data_6C37
#
_entry.id   6C37
#
_cell.length_a   64.131
_cell.length_b   64.131
_cell.length_c   230.906
_cell.angle_alpha   90.00
_cell.angle_beta   90.00
_cell.angle_gamma   120.00
#
_symmetry.space_group_name_H-M   'P 61 2 2'
#
loop_
_entity.id
_entity.type
_entity.pdbx_description
1 polymer 'Acetyltransferase, GNAT family protein'
2 non-polymer '[[(2~{S},3~{S},4~{R},5~{R})-5-(6-aminopurin-9-yl)-4-oxidanyl-3-phosphonooxy-oxolan-2-yl]methoxy-oxidanyl-phosphoryl] [(3~{R})-4-[[3-[2-[2-[3-[[(2~{R})-4-[[[(2~{R},3~{S},4~{R},5~{R})-5-(6-aminopurin-9-yl)-4-oxidanyl-3-phosphonooxy-oxolan-2-yl]methoxy-oxidanyl-phosphoryl]oxy-oxidanyl-phosphoryl]oxy-3,3-dimethyl-2-oxidanyl-butanoyl]amino]propanoylamino]ethyldisulfanyl]ethylamino]-3-oxidanylidene-propyl]amino]-2,2-dimethyl-3-oxidanyl-4-oxidanylidene-butyl] hydrogen phosphate'
3 water water
#
_entity_poly.entity_id   1
_entity_poly.type   'polypeptide(L)'
_entity_poly.pdbx_seq_one_letter_code
;MHPGWPDTVGPLRVPAGVVGLRPVRMRDAAAWSRIRLADQHHLEPWEPMTGMDWKVRHAVTSWPSICSGLRAEARHGRML
PFVIELDGEFVGQLTIGNVTHGALRSAWIGYWVASSRTGGGIATAALAMGLDHCFTAVQLHRIEATVRPENTPSRAVLAH
VGFREEGLLKRYLEVDGAWRDHLLVAITAEELPQSAAHRLVAAGRAEWC
;
_entity_poly.pdbx_strand_id   A
#
# COMPACT_ATOMS: atom_id res chain seq x y z
N MET A 1 8.71 20.06 0.82
CA MET A 1 7.62 19.91 1.77
C MET A 1 6.96 18.55 1.56
N HIS A 2 6.62 18.24 0.31
CA HIS A 2 5.91 17.00 0.00
C HIS A 2 6.23 16.53 -1.40
N PRO A 3 7.48 16.19 -1.69
CA PRO A 3 7.85 15.81 -3.06
C PRO A 3 7.12 14.55 -3.50
N GLY A 4 6.67 14.56 -4.76
CA GLY A 4 5.96 13.42 -5.29
C GLY A 4 4.49 13.34 -4.93
N TRP A 5 3.95 14.35 -4.25
CA TRP A 5 2.54 14.43 -3.95
C TRP A 5 2.00 15.82 -4.29
N PRO A 6 0.83 15.92 -4.96
CA PRO A 6 0.07 14.79 -5.48
C PRO A 6 0.64 14.36 -6.83
N ASP A 7 0.29 13.15 -7.25
CA ASP A 7 0.78 12.61 -8.50
C ASP A 7 -0.01 11.35 -8.80
N THR A 8 0.08 10.89 -10.04
CA THR A 8 -0.39 9.58 -10.45
C THR A 8 0.81 8.71 -10.75
N VAL A 9 0.64 7.40 -10.60
CA VAL A 9 1.73 6.45 -10.76
C VAL A 9 1.27 5.33 -11.68
N GLY A 10 2.18 4.84 -12.51
CA GLY A 10 1.88 3.77 -13.43
C GLY A 10 1.78 4.27 -14.85
N PRO A 11 1.05 3.52 -15.71
CA PRO A 11 0.41 2.25 -15.39
C PRO A 11 1.29 1.06 -15.72
N LEU A 12 0.84 -0.12 -15.29
CA LEU A 12 1.47 -1.40 -15.59
C LEU A 12 0.35 -2.42 -15.81
N ARG A 13 0.57 -3.36 -16.73
CA ARG A 13 -0.42 -4.40 -17.00
C ARG A 13 -0.04 -5.67 -16.24
N VAL A 14 -1.02 -6.23 -15.53
CA VAL A 14 -0.84 -7.52 -14.87
C VAL A 14 -1.96 -8.41 -15.40
N PRO A 15 -1.96 -9.73 -15.09
CA PRO A 15 -3.04 -10.58 -15.64
C PRO A 15 -4.43 -10.05 -15.34
N ALA A 16 -4.62 -9.43 -14.17
CA ALA A 16 -5.94 -8.92 -13.81
C ALA A 16 -6.36 -7.74 -14.69
N GLY A 17 -5.41 -7.00 -15.25
CA GLY A 17 -5.73 -5.81 -16.01
C GLY A 17 -4.70 -4.72 -15.76
N VAL A 18 -5.09 -3.48 -16.08
CA VAL A 18 -4.20 -2.32 -16.02
C VAL A 18 -4.26 -1.69 -14.64
N VAL A 19 -3.09 -1.54 -14.01
CA VAL A 19 -2.99 -1.06 -12.63
C VAL A 19 -2.30 0.30 -12.62
N GLY A 20 -2.90 1.24 -11.90
CA GLY A 20 -2.26 2.51 -11.63
C GLY A 20 -2.61 3.00 -10.24
N LEU A 21 -1.86 4.01 -9.77
CA LEU A 21 -2.13 4.66 -8.50
C LEU A 21 -2.53 6.11 -8.72
N ARG A 22 -3.43 6.62 -7.87
CA ARG A 22 -3.79 8.03 -7.91
C ARG A 22 -4.32 8.46 -6.54
N PRO A 23 -4.33 9.76 -6.24
CA PRO A 23 -4.72 10.20 -4.90
C PRO A 23 -6.15 9.86 -4.52
N VAL A 24 -6.34 9.56 -3.24
CA VAL A 24 -7.68 9.44 -2.66
C VAL A 24 -8.47 10.73 -2.94
N ARG A 25 -9.78 10.58 -3.16
CA ARG A 25 -10.72 11.66 -3.44
C ARG A 25 -11.98 11.49 -2.60
N MET A 26 -12.75 12.58 -2.47
CA MET A 26 -14.01 12.51 -1.75
C MET A 26 -15.00 11.55 -2.42
N ARG A 27 -14.98 11.50 -3.75
CA ARG A 27 -15.91 10.67 -4.51
C ARG A 27 -15.65 9.18 -4.33
N ASP A 28 -14.53 8.80 -3.71
CA ASP A 28 -14.24 7.39 -3.45
C ASP A 28 -15.09 6.79 -2.34
N ALA A 29 -15.95 7.57 -1.70
CA ALA A 29 -16.73 7.07 -0.56
C ALA A 29 -17.49 5.80 -0.92
N ALA A 30 -18.21 5.82 -2.04
CA ALA A 30 -19.09 4.71 -2.39
C ALA A 30 -18.32 3.41 -2.59
N ALA A 31 -17.26 3.44 -3.39
CA ALA A 31 -16.51 2.23 -3.69
C ALA A 31 -15.74 1.75 -2.46
N TRP A 32 -15.12 2.69 -1.74
CA TRP A 32 -14.38 2.32 -0.53
C TRP A 32 -15.30 1.66 0.48
N SER A 33 -16.47 2.24 0.71
CA SER A 33 -17.39 1.68 1.68
C SER A 33 -17.92 0.32 1.22
N ARG A 34 -18.34 0.24 -0.04
CA ARG A 34 -18.89 -1.02 -0.55
C ARG A 34 -17.88 -2.15 -0.42
N ILE A 35 -16.65 -1.93 -0.86
CA ILE A 35 -15.65 -3.00 -0.87
C ILE A 35 -15.21 -3.33 0.56
N ARG A 36 -14.92 -2.31 1.38
CA ARG A 36 -14.46 -2.57 2.73
C ARG A 36 -15.53 -3.30 3.55
N LEU A 37 -16.79 -2.92 3.38
CA LEU A 37 -17.87 -3.63 4.08
C LEU A 37 -17.92 -5.09 3.66
N ALA A 38 -17.90 -5.34 2.35
CA ALA A 38 -18.03 -6.70 1.84
C ALA A 38 -16.84 -7.57 2.21
N ASP A 39 -15.66 -6.97 2.40
CA ASP A 39 -14.41 -7.70 2.60
C ASP A 39 -13.95 -7.74 4.04
N GLN A 40 -14.86 -7.58 5.01
CA GLN A 40 -14.45 -7.50 6.41
C GLN A 40 -13.60 -8.71 6.82
N HIS A 41 -14.04 -9.92 6.47
CA HIS A 41 -13.32 -11.13 6.87
C HIS A 41 -11.95 -11.24 6.21
N HIS A 42 -11.77 -10.65 5.03
CA HIS A 42 -10.50 -10.64 4.29
C HIS A 42 -9.51 -9.63 4.88
N LEU A 43 -10.03 -8.58 5.53
CA LEU A 43 -9.24 -7.41 5.90
C LEU A 43 -9.01 -7.29 7.40
N GLU A 44 -10.05 -7.49 8.21
CA GLU A 44 -9.93 -7.32 9.66
C GLU A 44 -8.78 -8.09 10.31
N PRO A 45 -8.48 -9.35 9.96
CA PRO A 45 -7.40 -10.07 10.66
C PRO A 45 -5.99 -9.56 10.35
N TRP A 46 -5.83 -8.63 9.41
CA TRP A 46 -4.52 -8.14 9.02
C TRP A 46 -4.35 -6.65 9.20
N GLU A 47 -5.36 -5.96 9.50
CA GLU A 47 -5.22 -4.53 9.67
C GLU A 47 -5.23 -4.16 11.16
N PRO A 48 -4.58 -3.04 11.50
CA PRO A 48 -4.59 -2.59 12.90
C PRO A 48 -6.00 -2.36 13.41
N MET A 49 -6.22 -2.69 14.69
CA MET A 49 -7.51 -2.49 15.31
C MET A 49 -7.83 -1.00 15.43
N THR A 50 -9.08 -0.66 15.19
CA THR A 50 -9.56 0.72 15.33
C THR A 50 -10.42 0.93 16.57
N GLY A 51 -10.72 -0.13 17.32
CA GLY A 51 -11.62 0.01 18.44
C GLY A 51 -13.03 0.41 18.04
N MET A 52 -13.39 0.24 16.77
CA MET A 52 -14.70 0.60 16.27
C MET A 52 -15.38 -0.62 15.65
N ASP A 53 -16.70 -0.57 15.63
CA ASP A 53 -17.46 -1.53 14.85
C ASP A 53 -17.11 -1.37 13.37
N TRP A 54 -16.85 -2.50 12.71
CA TRP A 54 -16.40 -2.45 11.32
C TRP A 54 -17.43 -1.79 10.41
N LYS A 55 -18.72 -1.92 10.73
CA LYS A 55 -19.74 -1.42 9.84
C LYS A 55 -19.99 0.08 10.05
N VAL A 56 -19.75 0.60 11.25
CA VAL A 56 -19.84 2.05 11.42
C VAL A 56 -18.59 2.73 10.88
N ARG A 57 -17.42 2.09 11.02
CA ARG A 57 -16.18 2.67 10.50
C ARG A 57 -16.24 2.85 8.99
N HIS A 58 -16.91 1.92 8.29
CA HIS A 58 -16.87 1.91 6.83
C HIS A 58 -18.20 2.30 6.20
N ALA A 59 -19.05 2.99 6.94
CA ALA A 59 -20.21 3.62 6.31
C ALA A 59 -19.75 4.67 5.31
N VAL A 60 -20.54 4.86 4.26
CA VAL A 60 -20.23 5.86 3.24
C VAL A 60 -19.96 7.22 3.89
N THR A 61 -20.67 7.51 4.98
CA THR A 61 -20.57 8.81 5.63
C THR A 61 -19.28 9.01 6.40
N SER A 62 -18.54 7.93 6.67
CA SER A 62 -17.26 8.05 7.36
C SER A 62 -16.13 8.52 6.46
N TRP A 63 -16.26 8.34 5.15
CA TRP A 63 -15.14 8.64 4.26
C TRP A 63 -14.70 10.10 4.25
N PRO A 64 -15.60 11.10 4.23
CA PRO A 64 -15.11 12.50 4.15
C PRO A 64 -14.10 12.85 5.23
N SER A 65 -14.36 12.48 6.49
CA SER A 65 -13.40 12.76 7.56
C SER A 65 -12.11 12.00 7.36
N ILE A 66 -12.20 10.73 6.92
CA ILE A 66 -11.00 9.93 6.68
C ILE A 66 -10.19 10.52 5.54
N CYS A 67 -10.86 10.83 4.43
CA CYS A 67 -10.16 11.38 3.27
C CYS A 67 -9.52 12.72 3.59
N SER A 68 -10.23 13.59 4.31
CA SER A 68 -9.64 14.87 4.71
C SER A 68 -8.41 14.67 5.56
N GLY A 69 -8.45 13.70 6.48
CA GLY A 69 -7.29 13.42 7.30
C GLY A 69 -6.13 12.92 6.47
N LEU A 70 -6.39 11.99 5.56
CA LEU A 70 -5.32 11.48 4.70
C LEU A 70 -4.70 12.58 3.87
N ARG A 71 -5.52 13.46 3.31
CA ARG A 71 -4.98 14.50 2.44
C ARG A 71 -4.25 15.56 3.24
N ALA A 72 -4.67 15.81 4.48
CA ALA A 72 -3.94 16.74 5.33
C ALA A 72 -2.55 16.21 5.68
N GLU A 73 -2.45 14.91 5.99
CA GLU A 73 -1.14 14.31 6.20
C GLU A 73 -0.28 14.38 4.95
N ALA A 74 -0.91 14.21 3.78
CA ALA A 74 -0.16 14.28 2.53
C ALA A 74 0.35 15.68 2.26
N ARG A 75 -0.48 16.70 2.52
CA ARG A 75 -0.02 18.08 2.34
C ARG A 75 1.15 18.40 3.27
N HIS A 76 1.22 17.75 4.43
CA HIS A 76 2.34 17.90 5.35
C HIS A 76 3.55 17.06 4.95
N GLY A 77 3.47 16.26 3.89
CA GLY A 77 4.59 15.45 3.48
C GLY A 77 4.80 14.20 4.31
N ARG A 78 3.83 13.80 5.11
CA ARG A 78 4.01 12.67 6.00
C ARG A 78 3.41 11.38 5.46
N MET A 79 2.64 11.45 4.38
CA MET A 79 1.90 10.31 3.85
C MET A 79 1.66 10.53 2.38
N LEU A 80 1.58 9.42 1.62
CA LEU A 80 1.11 9.44 0.24
C LEU A 80 -0.01 8.43 0.15
N PRO A 81 -1.27 8.87 0.30
CA PRO A 81 -2.40 7.94 0.28
C PRO A 81 -2.95 7.72 -1.13
N PHE A 82 -2.57 6.62 -1.76
CA PHE A 82 -3.04 6.29 -3.10
C PHE A 82 -4.18 5.31 -3.06
N VAL A 83 -5.03 5.41 -4.06
CA VAL A 83 -5.97 4.38 -4.46
C VAL A 83 -5.32 3.54 -5.54
N ILE A 84 -5.51 2.23 -5.47
CA ILE A 84 -5.14 1.31 -6.55
C ILE A 84 -6.30 1.23 -7.50
N GLU A 85 -6.07 1.60 -8.76
CA GLU A 85 -7.06 1.42 -9.82
C GLU A 85 -6.73 0.19 -10.65
N LEU A 86 -7.75 -0.62 -10.91
CA LEU A 86 -7.71 -1.68 -11.90
C LEU A 86 -8.65 -1.27 -13.03
N ASP A 87 -8.11 -1.09 -14.23
CA ASP A 87 -8.87 -0.60 -15.37
C ASP A 87 -9.67 0.65 -15.00
N GLY A 88 -9.01 1.58 -14.32
CA GLY A 88 -9.60 2.85 -13.91
C GLY A 88 -10.54 2.81 -12.72
N GLU A 89 -10.74 1.64 -12.09
CA GLU A 89 -11.73 1.49 -11.03
C GLU A 89 -11.04 1.19 -9.69
N PHE A 90 -11.57 1.80 -8.63
CA PHE A 90 -11.09 1.59 -7.26
C PHE A 90 -11.12 0.10 -6.91
N VAL A 91 -9.95 -0.48 -6.59
CA VAL A 91 -9.97 -1.88 -6.15
C VAL A 91 -9.13 -2.08 -4.88
N GLY A 92 -8.62 -1.01 -4.30
CA GLY A 92 -7.74 -1.17 -3.16
C GLY A 92 -7.01 0.13 -2.88
N GLN A 93 -6.07 0.07 -1.93
CA GLN A 93 -5.31 1.26 -1.57
C GLN A 93 -3.85 0.89 -1.41
N LEU A 94 -2.98 1.87 -1.68
CA LEU A 94 -1.55 1.76 -1.40
C LEU A 94 -1.19 3.03 -0.64
N THR A 95 -0.68 2.86 0.58
CA THR A 95 -0.35 4.00 1.43
C THR A 95 1.13 3.96 1.78
N ILE A 96 1.79 5.08 1.58
CA ILE A 96 3.16 5.31 2.08
C ILE A 96 3.03 6.21 3.30
N GLY A 97 3.56 5.77 4.45
CA GLY A 97 3.31 6.45 5.70
C GLY A 97 4.59 6.72 6.47
N ASN A 98 4.44 7.56 7.51
CA ASN A 98 5.58 7.95 8.37
C ASN A 98 6.77 8.44 7.54
N VAL A 99 6.50 9.26 6.52
CA VAL A 99 7.54 9.74 5.63
C VAL A 99 8.45 10.71 6.37
N THR A 100 9.76 10.49 6.28
CA THR A 100 10.78 11.38 6.81
C THR A 100 11.80 11.68 5.73
N HIS A 101 12.45 12.83 5.83
CA HIS A 101 13.54 13.11 4.91
C HIS A 101 14.82 13.29 5.71
N GLY A 102 15.53 14.41 5.51
CA GLY A 102 16.75 14.64 6.30
C GLY A 102 17.76 13.51 6.18
N ALA A 103 18.23 13.03 7.33
CA ALA A 103 19.21 11.96 7.42
C ALA A 103 18.58 10.57 7.37
N LEU A 104 17.25 10.48 7.34
CA LEU A 104 16.58 9.18 7.34
C LEU A 104 15.99 8.83 5.98
N ARG A 105 15.15 9.68 5.41
CA ARG A 105 14.65 9.47 4.03
C ARG A 105 14.02 8.09 3.88
N SER A 106 13.11 7.78 4.80
CA SER A 106 12.50 6.46 4.89
C SER A 106 11.00 6.61 5.15
N ALA A 107 10.27 5.53 4.92
CA ALA A 107 8.83 5.50 5.14
C ALA A 107 8.42 4.03 5.21
N TRP A 108 7.21 3.78 5.69
CA TRP A 108 6.62 2.45 5.56
C TRP A 108 5.62 2.44 4.42
N ILE A 109 5.31 1.25 3.92
CA ILE A 109 4.37 1.09 2.83
C ILE A 109 3.36 0.01 3.21
N GLY A 110 2.11 0.19 2.77
CA GLY A 110 1.07 -0.77 3.06
C GLY A 110 0.08 -0.80 1.91
N TYR A 111 -0.73 -1.85 1.86
CA TYR A 111 -1.67 -1.97 0.74
C TYR A 111 -2.77 -2.97 1.10
N TRP A 112 -3.86 -2.90 0.34
CA TRP A 112 -4.85 -3.97 0.35
C TRP A 112 -5.52 -4.00 -1.02
N VAL A 113 -6.04 -5.18 -1.40
CA VAL A 113 -6.73 -5.39 -2.67
C VAL A 113 -8.00 -6.19 -2.41
N ALA A 114 -9.09 -5.79 -3.07
CA ALA A 114 -10.38 -6.47 -2.92
C ALA A 114 -10.24 -7.97 -3.15
N SER A 115 -10.78 -8.77 -2.24
CA SER A 115 -10.56 -10.21 -2.30
C SER A 115 -11.02 -10.79 -3.63
N SER A 116 -12.11 -10.27 -4.20
CA SER A 116 -12.59 -10.81 -5.47
C SER A 116 -11.62 -10.59 -6.61
N ARG A 117 -10.59 -9.75 -6.40
CA ARG A 117 -9.60 -9.43 -7.43
C ARG A 117 -8.21 -9.95 -7.10
N THR A 118 -8.06 -10.76 -6.05
CA THR A 118 -6.74 -11.22 -5.65
C THR A 118 -6.24 -12.37 -6.53
N GLY A 119 -4.93 -12.59 -6.48
CA GLY A 119 -4.31 -13.63 -7.28
C GLY A 119 -4.09 -13.28 -8.73
N GLY A 120 -4.15 -12.00 -9.08
CA GLY A 120 -3.97 -11.57 -10.45
C GLY A 120 -2.88 -10.54 -10.62
N GLY A 121 -2.04 -10.39 -9.60
CA GLY A 121 -0.85 -9.57 -9.67
C GLY A 121 -1.02 -8.11 -9.31
N ILE A 122 -2.20 -7.71 -8.80
CA ILE A 122 -2.49 -6.30 -8.60
C ILE A 122 -1.61 -5.72 -7.50
N ALA A 123 -1.62 -6.35 -6.31
CA ALA A 123 -0.84 -5.80 -5.21
C ALA A 123 0.65 -5.75 -5.55
N THR A 124 1.15 -6.77 -6.25
CA THR A 124 2.57 -6.78 -6.60
C THR A 124 2.92 -5.60 -7.51
N ALA A 125 2.08 -5.33 -8.50
CA ALA A 125 2.34 -4.18 -9.36
C ALA A 125 2.19 -2.86 -8.61
N ALA A 126 1.15 -2.74 -7.78
CA ALA A 126 0.96 -1.53 -6.99
C ALA A 126 2.18 -1.27 -6.11
N LEU A 127 2.70 -2.32 -5.46
CA LEU A 127 3.86 -2.15 -4.60
C LEU A 127 5.08 -1.72 -5.41
N ALA A 128 5.32 -2.36 -6.55
CA ALA A 128 6.49 -2.02 -7.35
C ALA A 128 6.42 -0.59 -7.86
N MET A 129 5.27 -0.18 -8.40
CA MET A 129 5.23 1.19 -8.88
C MET A 129 5.25 2.20 -7.73
N GLY A 130 4.64 1.87 -6.59
CA GLY A 130 4.74 2.74 -5.43
C GLY A 130 6.17 2.87 -4.94
N LEU A 131 6.90 1.76 -4.90
CA LEU A 131 8.30 1.79 -4.49
C LEU A 131 9.11 2.65 -5.45
N ASP A 132 8.95 2.45 -6.76
CA ASP A 132 9.68 3.27 -7.72
C ASP A 132 9.39 4.75 -7.53
N HIS A 133 8.12 5.09 -7.24
CA HIS A 133 7.75 6.48 -6.99
C HIS A 133 8.46 7.00 -5.75
N CYS A 134 8.53 6.19 -4.69
CA CYS A 134 9.23 6.61 -3.48
C CYS A 134 10.70 6.93 -3.76
N PHE A 135 11.37 6.09 -4.54
CA PHE A 135 12.81 6.21 -4.77
C PHE A 135 13.15 7.22 -5.86
N THR A 136 12.15 7.73 -6.57
CA THR A 136 12.41 8.80 -7.52
C THR A 136 11.76 10.09 -7.02
N ALA A 137 10.44 10.22 -7.21
CA ALA A 137 9.77 11.50 -6.98
C ALA A 137 9.74 11.90 -5.50
N VAL A 138 9.58 10.94 -4.59
CA VAL A 138 9.55 11.27 -3.16
C VAL A 138 10.95 11.47 -2.60
N GLN A 139 11.98 11.09 -3.35
CA GLN A 139 13.39 11.28 -2.98
C GLN A 139 13.79 10.50 -1.73
N LEU A 140 13.12 9.37 -1.51
CA LEU A 140 13.43 8.53 -0.37
C LEU A 140 14.55 7.55 -0.67
N HIS A 141 15.24 7.17 0.41
CA HIS A 141 16.32 6.20 0.38
C HIS A 141 15.86 4.79 0.73
N ARG A 142 14.84 4.66 1.59
CA ARG A 142 14.52 3.38 2.18
C ARG A 142 13.01 3.25 2.33
N ILE A 143 12.48 2.06 2.07
CA ILE A 143 11.07 1.76 2.33
C ILE A 143 11.00 0.48 3.15
N GLU A 144 10.21 0.49 4.22
CA GLU A 144 10.00 -0.69 5.06
C GLU A 144 8.53 -1.08 5.08
N ALA A 145 8.26 -2.29 5.56
CA ALA A 145 6.89 -2.73 5.77
C ALA A 145 6.85 -3.68 6.95
N THR A 146 5.74 -3.68 7.66
CA THR A 146 5.54 -4.60 8.78
C THR A 146 4.44 -5.58 8.41
N VAL A 147 4.70 -6.87 8.61
CA VAL A 147 3.80 -7.93 8.13
C VAL A 147 3.82 -9.08 9.12
N ARG A 148 2.65 -9.57 9.49
CA ARG A 148 2.59 -10.72 10.38
C ARG A 148 3.17 -11.94 9.68
N PRO A 149 3.96 -12.76 10.38
CA PRO A 149 4.48 -13.99 9.77
C PRO A 149 3.41 -14.85 9.13
N GLU A 150 2.22 -14.86 9.71
CA GLU A 150 1.10 -15.67 9.24
C GLU A 150 0.51 -15.15 7.94
N ASN A 151 0.85 -13.93 7.53
CA ASN A 151 0.26 -13.31 6.33
C ASN A 151 1.05 -13.76 5.08
N THR A 152 0.82 -15.02 4.70
CA THR A 152 1.56 -15.59 3.58
C THR A 152 1.35 -14.85 2.27
N PRO A 153 0.12 -14.46 1.89
CA PRO A 153 -0.03 -13.70 0.65
C PRO A 153 0.77 -12.41 0.64
N SER A 154 0.75 -11.65 1.74
CA SER A 154 1.47 -10.38 1.72
C SER A 154 2.98 -10.58 1.69
N ARG A 155 3.48 -11.58 2.40
CA ARG A 155 4.91 -11.87 2.37
C ARG A 155 5.35 -12.23 0.97
N ALA A 156 4.48 -12.90 0.20
CA ALA A 156 4.77 -13.22 -1.18
C ALA A 156 4.87 -11.96 -2.03
N VAL A 157 3.93 -11.02 -1.82
CA VAL A 157 3.97 -9.74 -2.54
C VAL A 157 5.29 -9.03 -2.28
N LEU A 158 5.67 -8.95 -1.00
CA LEU A 158 6.91 -8.27 -0.63
C LEU A 158 8.13 -8.98 -1.21
N ALA A 159 8.11 -10.33 -1.21
CA ALA A 159 9.20 -11.10 -1.81
C ALA A 159 9.29 -10.84 -3.33
N HIS A 160 8.15 -10.70 -4.01
CA HIS A 160 8.17 -10.44 -5.45
C HIS A 160 8.98 -9.19 -5.80
N VAL A 161 8.91 -8.16 -4.96
CA VAL A 161 9.54 -6.87 -5.26
C VAL A 161 10.96 -6.80 -4.70
N GLY A 162 11.36 -7.76 -3.88
CA GLY A 162 12.73 -7.83 -3.42
C GLY A 162 12.99 -7.34 -2.00
N PHE A 163 11.95 -7.18 -1.18
CA PHE A 163 12.16 -6.76 0.21
C PHE A 163 12.96 -7.81 0.97
N ARG A 164 13.82 -7.36 1.89
CA ARG A 164 14.61 -8.21 2.78
C ARG A 164 14.00 -8.22 4.17
N GLU A 165 14.06 -9.36 4.84
CA GLU A 165 13.67 -9.38 6.25
C GLU A 165 14.78 -8.80 7.11
N GLU A 166 14.43 -7.84 7.98
CA GLU A 166 15.40 -7.20 8.85
C GLU A 166 15.21 -7.50 10.34
N GLY A 167 14.02 -7.91 10.76
CA GLY A 167 13.85 -8.28 12.15
C GLY A 167 12.43 -8.73 12.42
N LEU A 168 12.20 -9.08 13.68
CA LEU A 168 10.89 -9.51 14.17
C LEU A 168 10.51 -8.59 15.32
N LEU A 169 9.40 -7.89 15.15
CA LEU A 169 8.93 -6.93 16.14
C LEU A 169 7.93 -7.66 17.04
N LYS A 170 8.34 -7.93 18.27
CA LYS A 170 7.51 -8.71 19.17
C LYS A 170 6.32 -7.89 19.65
N ARG A 171 5.12 -8.46 19.56
CA ARG A 171 3.89 -7.86 20.09
C ARG A 171 3.76 -6.41 19.62
N TYR A 172 3.93 -6.22 18.32
CA TYR A 172 4.15 -4.90 17.75
C TYR A 172 2.85 -4.11 17.62
N LEU A 173 1.80 -4.75 17.11
CA LEU A 173 0.59 -4.02 16.72
C LEU A 173 -0.62 -4.79 17.19
N GLU A 174 -1.62 -4.07 17.69
CA GLU A 174 -2.89 -4.68 18.05
C GLU A 174 -3.64 -5.01 16.77
N VAL A 175 -3.77 -6.30 16.49
CA VAL A 175 -4.42 -6.79 15.28
C VAL A 175 -5.25 -8.01 15.65
N ASP A 176 -6.51 -8.03 15.21
CA ASP A 176 -7.40 -9.18 15.40
C ASP A 176 -7.43 -9.61 16.87
N GLY A 177 -7.51 -8.63 17.76
CA GLY A 177 -7.80 -8.87 19.16
C GLY A 177 -6.62 -9.09 20.09
N ALA A 178 -5.38 -8.91 19.62
CA ALA A 178 -4.22 -9.09 20.49
C ALA A 178 -3.02 -8.36 19.90
N TRP A 179 -1.98 -8.19 20.73
CA TRP A 179 -0.69 -7.71 20.24
C TRP A 179 -0.02 -8.81 19.43
N ARG A 180 0.33 -8.53 18.18
CA ARG A 180 0.85 -9.56 17.27
C ARG A 180 2.25 -9.21 16.81
N ASP A 181 3.14 -10.20 16.84
CA ASP A 181 4.45 -10.10 16.19
C ASP A 181 4.28 -9.69 14.74
N HIS A 182 5.13 -8.77 14.28
CA HIS A 182 5.21 -8.44 12.88
C HIS A 182 6.66 -8.53 12.43
N LEU A 183 6.88 -9.14 11.27
CA LEU A 183 8.17 -9.05 10.62
C LEU A 183 8.36 -7.65 10.07
N LEU A 184 9.59 -7.15 10.18
CA LEU A 184 10.00 -5.90 9.55
C LEU A 184 10.82 -6.25 8.32
N VAL A 185 10.35 -5.82 7.15
CA VAL A 185 11.09 -6.02 5.91
C VAL A 185 11.44 -4.65 5.34
N ALA A 186 12.46 -4.60 4.48
CA ALA A 186 12.89 -3.31 3.98
C ALA A 186 13.62 -3.47 2.65
N ILE A 187 13.76 -2.34 1.94
CA ILE A 187 14.59 -2.25 0.74
C ILE A 187 15.07 -0.81 0.60
N THR A 188 16.27 -0.64 0.05
CA THR A 188 16.82 0.69 -0.19
C THR A 188 17.02 0.93 -1.67
N ALA A 189 17.14 2.20 -2.03
CA ALA A 189 17.17 2.57 -3.45
C ALA A 189 18.35 1.94 -4.16
N GLU A 190 19.49 1.81 -3.47
CA GLU A 190 20.70 1.27 -4.10
C GLU A 190 20.65 -0.23 -4.33
N GLU A 191 19.58 -0.93 -3.94
CA GLU A 191 19.42 -2.35 -4.20
C GLU A 191 18.73 -2.65 -5.52
N LEU A 192 18.26 -1.63 -6.23
CA LEU A 192 17.52 -1.83 -7.46
C LEU A 192 18.41 -1.43 -8.64
N PRO A 193 19.13 -2.37 -9.28
CA PRO A 193 19.83 -1.99 -10.52
C PRO A 193 18.88 -1.49 -11.58
N GLN A 194 17.66 -2.03 -11.60
CA GLN A 194 16.58 -1.56 -12.45
C GLN A 194 15.39 -1.20 -11.56
N SER A 195 14.40 -0.52 -12.12
CA SER A 195 13.22 -0.19 -11.33
C SER A 195 12.50 -1.46 -10.91
N ALA A 196 11.69 -1.34 -9.86
CA ALA A 196 10.88 -2.48 -9.43
C ALA A 196 9.92 -2.91 -10.54
N ALA A 197 9.37 -1.95 -11.30
CA ALA A 197 8.53 -2.31 -12.43
C ALA A 197 9.29 -3.14 -13.45
N HIS A 198 10.50 -2.70 -13.80
CA HIS A 198 11.36 -3.45 -14.71
C HIS A 198 11.62 -4.87 -14.20
N ARG A 199 11.87 -5.01 -12.89
CA ARG A 199 12.07 -6.32 -12.30
C ARG A 199 10.82 -7.21 -12.48
N LEU A 200 9.62 -6.64 -12.27
CA LEU A 200 8.39 -7.41 -12.47
C LEU A 200 8.24 -7.87 -13.91
N VAL A 201 8.47 -6.96 -14.86
CA VAL A 201 8.35 -7.32 -16.27
C VAL A 201 9.36 -8.42 -16.61
N ALA A 202 10.59 -8.30 -16.10
CA ALA A 202 11.60 -9.31 -16.37
C ALA A 202 11.20 -10.67 -15.82
N ALA A 203 10.52 -10.69 -14.68
CA ALA A 203 10.12 -11.94 -14.04
C ALA A 203 8.81 -12.50 -14.60
N GLY A 204 8.20 -11.80 -15.56
CA GLY A 204 6.95 -12.25 -16.14
C GLY A 204 5.71 -11.97 -15.32
N ARG A 205 5.80 -11.07 -14.33
CA ARG A 205 4.67 -10.76 -13.47
C ARG A 205 3.90 -9.52 -13.88
N ALA A 206 4.41 -8.77 -14.87
CA ALA A 206 3.76 -7.58 -15.40
C ALA A 206 4.23 -7.37 -16.83
N GLU A 207 3.53 -6.48 -17.54
CA GLU A 207 3.91 -6.02 -18.86
C GLU A 207 3.84 -4.50 -18.92
N TRP A 208 4.72 -3.90 -19.72
CA TRP A 208 4.62 -2.47 -19.95
C TRP A 208 3.29 -2.15 -20.65
N CYS A 209 2.69 -1.04 -20.25
CA CYS A 209 1.32 -0.77 -20.65
C CYS A 209 1.25 0.48 -21.51
#